data_6RAV
#
_entry.id   6RAV
#
_cell.length_a   54.463
_cell.length_b   97.446
_cell.length_c   61.815
_cell.angle_alpha   90.000
_cell.angle_beta   100.475
_cell.angle_gamma   90.000
#
_symmetry.space_group_name_H-M   'P 1 21 1'
#
loop_
_entity.id
_entity.type
_entity.pdbx_description
1 polymer 'Complement factor B'
2 non-polymer 'SULFATE ION'
3 non-polymer '4-[(2~{S},4~{S})-4-ethoxy-1-[(5-methoxy-7-methyl-1~{H}-indol-4-yl)methyl]piperidin-2-yl]benzoic acid'
4 non-polymer 'ZINC ION'
5 water water
#
_entity_poly.entity_id   1
_entity_poly.type   'polypeptide(L)'
_entity_poly.pdbx_seq_one_letter_code
;SLSLCGMVWEHRKGTDYHKQPWQAKISVIRPSKGHESCMGAVVSEYFVLTAAHCFTVDDKEHSIKVSVGGEKRDLEIEVV
LFHPNYNINGKKEAGIPEFYDYDVALIKLKNKLKYGQTIRPICLPCTEGTTRALRLPPTTTCQQQKEELLPAQDIKALFV
SEEEKKLTRKEVYIKNGDKKGSCERDAQYAPGYDKVKDISEVVTPRFLCTGGVSPYADPNTCRGDSGGPLIVHKRSRFIQ
VGVISWGVVDVCKNQKRQKQVPAHARDFHINLFQVLPWLKEKLQDEDLGFL
;
_entity_poly.pdbx_strand_id   AAA,BBB
#
# COMPACT_ATOMS: atom_id res chain seq x y z
N SER A 3 -24.11 19.15 1.70
CA SER A 3 -23.91 20.00 2.97
C SER A 3 -22.72 20.95 2.79
N LEU A 4 -22.72 22.08 3.50
CA LEU A 4 -21.57 23.01 3.58
C LEU A 4 -20.58 22.52 4.65
N CYS A 5 -19.59 21.75 4.23
CA CYS A 5 -18.65 21.06 5.14
C CYS A 5 -17.52 22.03 5.54
N GLY A 6 -16.89 21.77 6.69
CA GLY A 6 -15.65 22.45 7.11
C GLY A 6 -15.86 23.93 7.31
N MET A 7 -17.04 24.36 7.74
CA MET A 7 -17.26 25.78 8.04
C MET A 7 -17.88 25.94 9.43
N VAL A 8 -17.39 26.90 10.20
CA VAL A 8 -17.95 27.32 11.52
C VAL A 8 -19.38 27.85 11.27
N TRP A 9 -20.30 27.72 12.25
CA TRP A 9 -21.76 27.91 12.06
C TRP A 9 -22.37 28.72 13.21
N ARG A 12 -21.27 34.69 15.79
CA ARG A 12 -20.56 35.05 17.05
C ARG A 12 -19.23 34.30 17.16
N LYS A 13 -18.29 34.88 17.91
CA LYS A 13 -17.00 34.27 18.33
C LYS A 13 -17.28 33.41 19.57
N GLY A 14 -17.81 32.20 19.38
CA GLY A 14 -17.90 31.15 20.42
C GLY A 14 -16.58 30.42 20.57
N THR A 15 -16.51 29.47 21.51
CA THR A 15 -15.29 28.70 21.89
C THR A 15 -15.50 27.18 21.70
N ASP A 16 -14.39 26.44 21.72
CA ASP A 16 -14.36 24.95 21.80
C ASP A 16 -15.14 24.43 20.59
N TYR A 17 -16.29 23.78 20.83
CA TYR A 17 -17.01 23.03 19.77
C TYR A 17 -17.68 23.99 18.80
N HIS A 18 -17.87 25.26 19.18
CA HIS A 18 -18.29 26.34 18.23
C HIS A 18 -17.20 26.55 17.17
N LYS A 19 -15.93 26.46 17.55
CA LYS A 19 -14.79 26.71 16.61
C LYS A 19 -14.42 25.43 15.85
N GLN A 20 -14.70 24.25 16.44
CA GLN A 20 -14.32 22.92 15.85
C GLN A 20 -15.50 21.95 15.98
N PRO A 21 -16.62 22.24 15.27
CA PRO A 21 -17.87 21.49 15.45
C PRO A 21 -17.92 20.09 14.83
N TRP A 22 -16.84 19.68 14.15
CA TRP A 22 -16.68 18.31 13.59
C TRP A 22 -16.02 17.41 14.62
N GLN A 23 -15.49 17.94 15.73
CA GLN A 23 -14.73 17.09 16.67
C GLN A 23 -15.67 16.11 17.39
N ALA A 24 -15.22 14.88 17.53
CA ALA A 24 -15.93 13.83 18.28
C ALA A 24 -15.00 13.31 19.35
N LYS A 25 -15.55 13.06 20.54
CA LYS A 25 -14.81 12.50 21.68
C LYS A 25 -15.19 11.04 21.83
N ILE A 26 -14.19 10.18 21.90
CA ILE A 26 -14.40 8.72 22.06
C ILE A 26 -13.83 8.26 23.40
N SER A 27 -14.57 7.44 24.13
CA SER A 27 -14.13 6.85 25.42
C SER A 27 -14.22 5.34 25.34
N VAL A 28 -13.14 4.66 25.75
CA VAL A 28 -13.10 3.16 25.81
C VAL A 28 -13.93 2.74 27.02
N ILE A 29 -14.90 1.86 26.85
CA ILE A 29 -15.88 1.49 27.92
C ILE A 29 -15.16 0.70 29.03
N ARG A 30 -14.29 -0.25 28.68
CA ARG A 30 -13.43 -0.95 29.67
C ARG A 30 -11.98 -0.47 29.51
N PRO A 31 -11.61 0.68 30.12
CA PRO A 31 -10.31 1.29 29.86
C PRO A 31 -9.15 0.51 30.52
N SER A 32 -7.96 0.64 29.96
CA SER A 32 -6.67 0.24 30.57
C SER A 32 -5.62 1.26 30.15
N LYS A 33 -4.37 1.10 30.61
CA LYS A 33 -3.21 1.89 30.15
C LYS A 33 -3.08 1.75 28.62
N GLY A 34 -3.02 2.88 27.91
CA GLY A 34 -2.91 2.93 26.44
C GLY A 34 -4.25 2.78 25.72
N HIS A 35 -5.35 2.58 26.45
CA HIS A 35 -6.70 2.28 25.88
C HIS A 35 -7.76 3.00 26.71
N GLU A 36 -7.72 4.33 26.73
CA GLU A 36 -8.65 5.17 27.52
C GLU A 36 -9.55 6.01 26.62
N SER A 37 -8.99 6.75 25.66
CA SER A 37 -9.75 7.77 24.89
CA SER A 37 -9.77 7.75 24.88
C SER A 37 -9.21 7.88 23.46
N CYS A 38 -10.03 8.42 22.59
CA CYS A 38 -9.67 8.73 21.20
C CYS A 38 -10.49 9.95 20.79
N MET A 39 -10.22 10.45 19.60
CA MET A 39 -10.98 11.52 18.96
C MET A 39 -11.47 11.00 17.62
N GLY A 40 -12.32 11.78 16.98
CA GLY A 40 -12.85 11.46 15.65
C GLY A 40 -13.39 12.70 15.00
N ALA A 41 -13.90 12.55 13.77
CA ALA A 41 -14.45 13.67 13.01
C ALA A 41 -15.82 13.27 12.48
N VAL A 42 -16.78 14.15 12.65
CA VAL A 42 -18.08 14.06 11.94
C VAL A 42 -17.83 14.28 10.46
N VAL A 43 -18.18 13.31 9.62
CA VAL A 43 -17.96 13.41 8.16
C VAL A 43 -19.31 13.35 7.42
N SER A 44 -20.38 12.95 8.08
CA SER A 44 -21.75 12.97 7.51
C SER A 44 -22.75 12.77 8.65
N GLU A 45 -24.04 12.79 8.33
CA GLU A 45 -25.08 12.78 9.39
C GLU A 45 -25.08 11.44 10.11
N TYR A 46 -24.49 10.41 9.51
CA TYR A 46 -24.49 9.06 10.10
C TYR A 46 -23.08 8.57 10.46
N PHE A 47 -22.02 9.32 10.16
CA PHE A 47 -20.66 8.75 10.25
C PHE A 47 -19.67 9.65 10.96
N VAL A 48 -18.86 8.98 11.79
CA VAL A 48 -17.66 9.56 12.46
C VAL A 48 -16.44 8.74 12.04
N LEU A 49 -15.41 9.45 11.52
CA LEU A 49 -14.13 8.85 11.09
C LEU A 49 -13.14 8.93 12.23
N THR A 50 -12.46 7.82 12.49
CA THR A 50 -11.50 7.70 13.59
C THR A 50 -10.43 6.68 13.22
N ALA A 51 -9.63 6.30 14.20
CA ALA A 51 -8.58 5.28 14.04
C ALA A 51 -9.14 3.91 14.44
N ALA A 52 -8.76 2.87 13.70
CA ALA A 52 -9.16 1.48 13.99
C ALA A 52 -8.63 1.04 15.35
N HIS A 53 -7.46 1.49 15.79
CA HIS A 53 -6.79 0.98 17.01
C HIS A 53 -7.55 1.43 18.25
N CYS A 54 -8.56 2.30 18.12
CA CYS A 54 -9.37 2.83 19.26
C CYS A 54 -10.38 1.80 19.78
N PHE A 55 -10.64 0.74 19.01
CA PHE A 55 -11.68 -0.27 19.31
C PHE A 55 -11.04 -1.58 19.77
N THR A 56 -11.82 -2.45 20.42
CA THR A 56 -11.45 -3.88 20.58
C THR A 56 -11.77 -4.53 19.23
N VAL A 57 -11.03 -5.55 18.82
CA VAL A 57 -11.28 -6.20 17.48
C VAL A 57 -12.60 -6.99 17.54
N ASP A 58 -12.92 -7.58 18.70
CA ASP A 58 -14.18 -8.35 18.91
C ASP A 58 -15.22 -7.41 19.53
N ASP A 59 -16.45 -7.47 19.02
CA ASP A 59 -17.59 -6.64 19.52
C ASP A 59 -17.17 -5.17 19.54
N LYS A 60 -16.72 -4.69 18.39
CA LYS A 60 -16.25 -3.30 18.18
C LYS A 60 -17.31 -2.32 18.69
N GLU A 61 -18.56 -2.56 18.31
CA GLU A 61 -19.71 -1.63 18.49
C GLU A 61 -19.95 -1.37 19.97
N HIS A 62 -19.58 -2.29 20.86
CA HIS A 62 -19.84 -2.16 22.32
C HIS A 62 -18.54 -1.82 23.06
N SER A 63 -17.47 -1.42 22.37
CA SER A 63 -16.13 -1.20 22.98
C SER A 63 -15.87 0.28 23.29
N ILE A 64 -16.66 1.22 22.76
CA ILE A 64 -16.47 2.67 22.91
C ILE A 64 -17.82 3.33 23.09
N LYS A 65 -17.78 4.52 23.67
CA LYS A 65 -18.85 5.53 23.57
C LYS A 65 -18.32 6.68 22.73
N VAL A 66 -19.22 7.36 22.04
CA VAL A 66 -18.83 8.55 21.25
C VAL A 66 -19.81 9.65 21.60
N SER A 67 -19.29 10.87 21.69
CA SER A 67 -20.06 12.12 21.89
C SER A 67 -19.58 13.16 20.88
N VAL A 68 -20.50 14.03 20.51
CA VAL A 68 -20.26 15.19 19.61
C VAL A 68 -20.71 16.46 20.34
N GLY A 69 -20.24 17.60 19.85
CA GLY A 69 -20.70 18.94 20.29
C GLY A 69 -20.39 19.23 21.74
N GLY A 70 -19.53 18.44 22.39
CA GLY A 70 -19.19 18.63 23.81
C GLY A 70 -20.31 18.16 24.76
N GLU A 71 -21.25 17.37 24.21
CA GLU A 71 -22.40 16.89 24.94
C GLU A 71 -21.99 15.77 25.90
N LYS A 72 -22.75 15.56 26.97
CA LYS A 72 -22.55 14.43 27.91
C LYS A 72 -23.09 13.15 27.26
N ARG A 73 -24.20 13.26 26.52
CA ARG A 73 -24.92 12.14 25.86
C ARG A 73 -23.98 11.34 24.95
N ASP A 74 -24.09 10.00 24.96
CA ASP A 74 -23.39 9.08 24.03
C ASP A 74 -24.34 8.76 22.88
N LEU A 75 -23.80 8.65 21.67
CA LEU A 75 -24.61 8.33 20.48
C LEU A 75 -24.65 6.82 20.31
N GLU A 76 -25.78 6.29 19.86
CA GLU A 76 -25.92 4.87 19.57
C GLU A 76 -25.09 4.51 18.33
N ILE A 77 -24.18 3.56 18.49
CA ILE A 77 -23.26 3.06 17.44
C ILE A 77 -23.90 1.81 16.84
N GLU A 78 -24.27 1.91 15.58
CA GLU A 78 -24.88 0.77 14.85
C GLU A 78 -23.79 -0.17 14.34
N VAL A 79 -22.75 0.34 13.67
CA VAL A 79 -21.69 -0.52 13.14
C VAL A 79 -20.36 0.23 13.14
N VAL A 80 -19.28 -0.51 13.30
CA VAL A 80 -17.89 0.00 13.19
C VAL A 80 -17.26 -0.70 11.99
N LEU A 81 -16.82 0.08 11.02
CA LEU A 81 -16.16 -0.42 9.79
C LEU A 81 -14.64 -0.16 9.91
N PHE A 82 -13.85 -1.20 10.08
CA PHE A 82 -12.38 -1.16 10.03
C PHE A 82 -11.94 -1.14 8.57
N HIS A 83 -10.92 -0.38 8.23
CA HIS A 83 -10.24 -0.60 6.94
C HIS A 83 -9.83 -2.07 6.88
N PRO A 84 -10.15 -2.79 5.78
CA PRO A 84 -9.89 -4.23 5.70
C PRO A 84 -8.41 -4.61 5.83
N ASN A 85 -7.48 -3.69 5.64
CA ASN A 85 -6.02 -3.98 5.62
C ASN A 85 -5.43 -3.75 7.01
N TYR A 86 -6.19 -3.17 7.93
CA TYR A 86 -5.73 -2.88 9.31
C TYR A 86 -5.52 -4.18 10.09
N ASN A 87 -4.33 -4.35 10.67
CA ASN A 87 -4.00 -5.49 11.56
C ASN A 87 -2.81 -5.10 12.42
N ILE A 88 -3.08 -4.79 13.69
CA ILE A 88 -2.06 -4.25 14.62
C ILE A 88 -0.96 -5.32 14.81
N ASN A 89 -1.29 -6.60 14.63
CA ASN A 89 -0.35 -7.76 14.84
C ASN A 89 0.30 -8.18 13.54
N GLY A 90 0.10 -7.46 12.44
CA GLY A 90 0.53 -7.90 11.10
C GLY A 90 2.04 -8.01 10.90
N LYS A 91 2.89 -7.41 11.73
CA LYS A 91 4.36 -7.47 11.47
C LYS A 91 5.15 -7.90 12.72
N LYS A 92 4.51 -8.67 13.59
CA LYS A 92 5.13 -9.16 14.84
C LYS A 92 6.42 -9.91 14.46
N GLU A 93 6.42 -10.64 13.34
CA GLU A 93 7.56 -11.44 12.81
C GLU A 93 8.78 -10.56 12.53
N ALA A 94 8.58 -9.30 12.15
CA ALA A 94 9.67 -8.36 11.81
C ALA A 94 10.11 -7.55 13.03
N GLY A 95 9.68 -7.92 14.24
CA GLY A 95 10.01 -7.19 15.47
C GLY A 95 9.24 -5.87 15.57
N ILE A 96 8.10 -5.77 14.87
CA ILE A 96 7.16 -4.60 14.92
C ILE A 96 5.98 -5.03 15.79
N PRO A 97 5.97 -4.69 17.11
CA PRO A 97 5.00 -5.23 18.05
C PRO A 97 3.56 -4.73 17.78
N GLU A 98 3.45 -3.50 17.26
CA GLU A 98 2.15 -2.88 16.88
C GLU A 98 2.37 -2.23 15.52
N PHE A 99 1.52 -2.55 14.54
CA PHE A 99 1.66 -2.05 13.15
C PHE A 99 0.42 -1.23 12.82
N TYR A 100 0.59 0.06 12.48
CA TYR A 100 -0.57 0.99 12.36
C TYR A 100 -0.93 1.28 10.91
N ASP A 101 -0.46 0.48 9.96
CA ASP A 101 -0.88 0.65 8.56
C ASP A 101 -2.41 0.60 8.48
N TYR A 102 -3.01 1.50 7.69
CA TYR A 102 -4.47 1.52 7.41
C TYR A 102 -5.29 1.67 8.71
N ASP A 103 -4.77 2.43 9.66
CA ASP A 103 -5.37 2.62 11.00
C ASP A 103 -6.53 3.61 10.89
N VAL A 104 -7.55 3.26 10.11
CA VAL A 104 -8.78 4.08 9.98
C VAL A 104 -10.01 3.20 10.13
N ALA A 105 -11.06 3.78 10.70
CA ALA A 105 -12.35 3.13 10.94
C ALA A 105 -13.47 4.17 10.87
N LEU A 106 -14.62 3.74 10.41
CA LEU A 106 -15.85 4.56 10.35
C LEU A 106 -16.85 4.00 11.36
N ILE A 107 -17.38 4.90 12.17
CA ILE A 107 -18.49 4.63 13.11
C ILE A 107 -19.77 5.03 12.36
N LYS A 108 -20.62 4.04 12.04
CA LYS A 108 -22.00 4.31 11.57
C LYS A 108 -22.93 4.46 12.79
N LEU A 109 -23.52 5.63 12.92
CA LEU A 109 -24.48 5.94 14.02
C LEU A 109 -25.86 5.41 13.62
N LYS A 110 -26.63 4.90 14.57
CA LYS A 110 -28.00 4.41 14.29
C LYS A 110 -28.90 5.59 13.90
N ASN A 111 -28.82 6.68 14.66
CA ASN A 111 -29.64 7.91 14.50
C ASN A 111 -28.87 8.98 13.69
N LYS A 112 -29.59 9.63 12.78
CA LYS A 112 -29.11 10.79 11.98
C LYS A 112 -28.73 11.94 12.92
N LEU A 113 -27.49 12.45 12.84
CA LEU A 113 -27.11 13.71 13.54
C LEU A 113 -27.92 14.86 12.99
N LYS A 114 -28.27 15.79 13.86
CA LYS A 114 -28.84 17.08 13.46
C LYS A 114 -27.71 18.10 13.59
N TYR A 115 -27.31 18.68 12.47
CA TYR A 115 -26.22 19.69 12.45
C TYR A 115 -26.75 20.96 13.12
N GLY A 116 -25.85 21.69 13.76
CA GLY A 116 -26.14 22.91 14.50
C GLY A 116 -24.86 23.69 14.68
N GLN A 117 -24.79 24.52 15.69
CA GLN A 117 -23.61 25.38 15.93
C GLN A 117 -22.44 24.55 16.43
N THR A 118 -22.67 23.39 17.05
CA THR A 118 -21.61 22.61 17.73
C THR A 118 -21.37 21.25 17.06
N ILE A 119 -22.16 20.91 16.04
CA ILE A 119 -22.12 19.63 15.29
C ILE A 119 -22.20 19.96 13.80
N ARG A 120 -21.12 19.76 13.08
CA ARG A 120 -21.02 20.06 11.63
C ARG A 120 -20.01 19.09 11.04
N PRO A 121 -20.19 18.70 9.76
CA PRO A 121 -19.23 17.81 9.11
C PRO A 121 -17.98 18.56 8.64
N ILE A 122 -16.84 17.90 8.70
CA ILE A 122 -15.59 18.42 8.10
C ILE A 122 -15.56 17.95 6.64
N CYS A 123 -14.91 18.68 5.74
CA CYS A 123 -14.76 18.26 4.33
C CYS A 123 -13.78 17.09 4.24
N LEU A 124 -14.04 16.15 3.33
CA LEU A 124 -13.13 15.04 3.03
C LEU A 124 -12.51 15.24 1.64
N PRO A 125 -11.29 14.71 1.42
CA PRO A 125 -10.60 14.82 0.14
C PRO A 125 -11.42 14.19 -0.99
N CYS A 126 -11.30 14.78 -2.17
CA CYS A 126 -11.83 14.25 -3.45
C CYS A 126 -13.36 14.12 -3.36
N THR A 127 -13.99 15.15 -2.82
CA THR A 127 -15.45 15.36 -2.79
C THR A 127 -15.80 16.70 -3.42
N GLU A 128 -17.05 16.83 -3.87
CA GLU A 128 -17.61 18.11 -4.36
C GLU A 128 -17.67 19.12 -3.21
N GLY A 129 -17.84 18.67 -1.96
CA GLY A 129 -17.80 19.58 -0.80
C GLY A 129 -16.47 20.30 -0.71
N THR A 130 -15.39 19.59 -0.97
CA THR A 130 -14.02 20.15 -0.89
C THR A 130 -13.78 21.08 -2.09
N THR A 131 -14.22 20.69 -3.28
CA THR A 131 -14.15 21.57 -4.47
C THR A 131 -14.78 22.93 -4.10
N ARG A 132 -15.96 22.92 -3.49
CA ARG A 132 -16.70 24.17 -3.18
C ARG A 132 -16.00 24.89 -2.04
N ALA A 133 -15.60 24.17 -1.01
CA ALA A 133 -14.90 24.75 0.16
C ALA A 133 -13.64 25.48 -0.31
N LEU A 134 -12.92 24.94 -1.30
CA LEU A 134 -11.65 25.55 -1.77
C LEU A 134 -11.92 26.53 -2.93
N ARG A 135 -13.19 26.78 -3.27
CA ARG A 135 -13.61 27.79 -4.28
C ARG A 135 -12.93 27.43 -5.60
N LEU A 136 -12.96 26.16 -5.95
CA LEU A 136 -12.31 25.59 -7.16
C LEU A 136 -13.35 25.35 -8.24
N PRO A 137 -12.93 25.24 -9.51
CA PRO A 137 -13.86 25.03 -10.61
C PRO A 137 -14.42 23.61 -10.65
N PRO A 138 -15.59 23.42 -11.28
CA PRO A 138 -16.24 22.10 -11.32
C PRO A 138 -15.47 21.05 -12.13
N THR A 139 -14.43 21.45 -12.88
CA THR A 139 -13.49 20.57 -13.61
C THR A 139 -12.46 19.95 -12.64
N THR A 140 -12.45 20.36 -11.38
CA THR A 140 -11.42 19.94 -10.40
C THR A 140 -11.45 18.40 -10.27
N THR A 141 -10.28 17.78 -10.42
CA THR A 141 -10.02 16.34 -10.23
C THR A 141 -9.49 16.07 -8.82
N CYS A 142 -9.51 14.80 -8.42
CA CYS A 142 -8.96 14.34 -7.13
C CYS A 142 -7.45 14.70 -7.08
N GLN A 143 -6.71 14.46 -8.16
CA GLN A 143 -5.27 14.81 -8.24
C GLN A 143 -5.06 16.30 -8.03
N GLN A 144 -5.94 17.15 -8.58
CA GLN A 144 -5.82 18.63 -8.41
C GLN A 144 -6.06 19.00 -6.95
N GLN A 145 -7.04 18.38 -6.31
CA GLN A 145 -7.32 18.60 -4.85
C GLN A 145 -6.08 18.20 -4.05
N LYS A 146 -5.40 17.11 -4.42
CA LYS A 146 -4.16 16.66 -3.76
C LYS A 146 -3.05 17.73 -3.90
N GLU A 147 -2.89 18.32 -5.10
CA GLU A 147 -1.85 19.38 -5.35
C GLU A 147 -2.18 20.62 -4.53
N GLU A 148 -3.46 20.93 -4.39
CA GLU A 148 -3.93 22.10 -3.64
C GLU A 148 -3.71 21.86 -2.15
N LEU A 149 -3.96 20.63 -1.65
CA LEU A 149 -3.98 20.37 -0.17
C LEU A 149 -2.62 19.86 0.31
N LEU A 150 -1.98 18.99 -0.45
CA LEU A 150 -0.71 18.34 -0.01
C LEU A 150 0.37 18.60 -1.06
N PRO A 151 0.79 19.86 -1.26
CA PRO A 151 1.92 20.15 -2.16
C PRO A 151 3.22 19.57 -1.56
N ALA A 152 4.24 19.36 -2.40
CA ALA A 152 5.54 18.77 -1.99
C ALA A 152 6.35 19.82 -1.21
N GLN A 153 5.97 20.08 0.02
CA GLN A 153 6.36 21.26 0.81
C GLN A 153 6.23 20.91 2.30
N ASP A 154 6.69 21.78 3.21
CA ASP A 154 6.22 21.76 4.61
C ASP A 154 4.83 22.40 4.65
N ILE A 155 3.78 21.64 5.00
CA ILE A 155 2.36 22.08 4.89
C ILE A 155 1.85 22.47 6.28
N LYS A 156 1.42 23.71 6.41
CA LYS A 156 0.69 24.20 7.60
C LYS A 156 -0.60 23.39 7.77
N ALA A 157 -0.80 22.88 8.97
CA ALA A 157 -1.93 21.99 9.32
C ALA A 157 -2.23 22.20 10.79
N LEU A 158 -3.26 21.52 11.27
CA LEU A 158 -3.60 21.62 12.70
C LEU A 158 -4.29 20.33 13.11
N PHE A 159 -4.24 20.07 14.39
CA PHE A 159 -5.05 19.03 15.06
C PHE A 159 -5.54 19.63 16.39
N VAL A 160 -6.49 18.96 17.00
CA VAL A 160 -7.19 19.46 18.21
C VAL A 160 -7.05 18.38 19.28
N SER A 161 -6.75 18.81 20.51
CA SER A 161 -6.69 17.99 21.74
C SER A 161 -7.83 18.42 22.68
N GLU A 162 -8.37 17.45 23.41
CA GLU A 162 -9.57 17.62 24.26
C GLU A 162 -9.23 17.25 25.70
N GLU A 163 -9.82 17.98 26.65
CA GLU A 163 -9.73 17.71 28.11
C GLU A 163 -10.92 18.39 28.81
N GLU A 164 -11.80 17.57 29.41
CA GLU A 164 -13.06 17.98 30.09
C GLU A 164 -13.81 19.00 29.22
N LYS A 165 -14.09 18.59 27.98
CA LYS A 165 -14.92 19.32 26.97
C LYS A 165 -14.22 20.58 26.45
N LYS A 166 -12.97 20.85 26.89
CA LYS A 166 -12.16 21.96 26.39
C LYS A 166 -11.25 21.53 25.22
N LEU A 167 -11.37 22.20 24.06
CA LEU A 167 -10.56 21.88 22.86
C LEU A 167 -9.40 22.87 22.74
N THR A 168 -8.21 22.36 22.41
CA THR A 168 -6.98 23.14 22.19
C THR A 168 -6.53 22.91 20.74
N ARG A 169 -6.55 23.95 19.92
CA ARG A 169 -6.08 23.89 18.51
C ARG A 169 -4.55 23.97 18.48
N LYS A 170 -3.88 23.07 17.75
CA LYS A 170 -2.41 22.97 17.71
C LYS A 170 -1.92 23.02 16.27
N GLU A 171 -1.01 23.95 15.98
CA GLU A 171 -0.53 24.14 14.60
C GLU A 171 0.69 23.24 14.39
N VAL A 172 0.69 22.49 13.30
CA VAL A 172 1.80 21.55 12.98
C VAL A 172 2.11 21.74 11.51
N TYR A 173 3.22 21.16 11.10
CA TYR A 173 3.69 21.18 9.70
C TYR A 173 3.84 19.74 9.25
N ILE A 174 3.18 19.41 8.15
CA ILE A 174 3.34 18.11 7.47
C ILE A 174 4.60 18.20 6.63
N LYS A 175 5.55 17.28 6.85
CA LYS A 175 6.83 17.26 6.12
C LYS A 175 6.61 16.47 4.83
N ASN A 176 6.27 17.16 3.75
CA ASN A 176 5.89 16.52 2.47
C ASN A 176 6.84 16.96 1.34
N GLY A 177 7.93 17.66 1.63
CA GLY A 177 8.96 18.00 0.62
C GLY A 177 10.29 17.37 0.98
N ASP A 178 11.33 18.18 1.03
CA ASP A 178 12.70 17.63 1.25
C ASP A 178 12.86 17.17 2.71
N LYS A 179 11.96 17.46 3.66
CA LYS A 179 12.07 16.93 5.04
C LYS A 179 11.30 15.60 5.21
N LYS A 180 10.63 15.10 4.18
CA LYS A 180 9.73 13.93 4.34
C LYS A 180 10.52 12.68 4.77
N GLY A 181 11.61 12.39 4.08
CA GLY A 181 12.47 11.24 4.39
C GLY A 181 12.96 11.29 5.83
N SER A 182 13.48 12.43 6.28
CA SER A 182 14.02 12.60 7.66
C SER A 182 12.89 12.40 8.66
N CYS A 183 11.70 12.93 8.37
CA CYS A 183 10.54 12.83 9.29
C CYS A 183 10.21 11.36 9.49
N GLU A 184 10.14 10.62 8.38
CA GLU A 184 9.72 9.20 8.42
C GLU A 184 10.78 8.38 9.14
N ARG A 185 12.07 8.65 8.89
CA ARG A 185 13.15 7.80 9.44
C ARG A 185 13.15 7.95 10.97
N ASP A 186 12.65 9.07 11.49
CA ASP A 186 12.59 9.33 12.94
C ASP A 186 11.58 8.41 13.65
N ALA A 187 10.85 7.58 12.92
CA ALA A 187 10.08 6.47 13.52
C ALA A 187 10.99 5.67 14.45
N GLN A 188 12.30 5.62 14.17
CA GLN A 188 13.27 4.79 14.93
C GLN A 188 13.43 5.28 16.37
N TYR A 189 12.98 6.50 16.71
CA TYR A 189 13.03 7.00 18.10
C TYR A 189 11.82 6.50 18.88
N ALA A 190 10.86 5.83 18.24
CA ALA A 190 9.63 5.39 18.93
C ALA A 190 9.97 4.18 19.76
N PRO A 191 9.74 4.17 21.08
CA PRO A 191 10.02 2.97 21.86
C PRO A 191 9.25 1.77 21.29
N GLY A 192 9.96 0.66 21.05
CA GLY A 192 9.44 -0.57 20.46
C GLY A 192 9.73 -0.64 18.98
N TYR A 193 10.11 0.47 18.34
CA TYR A 193 10.49 0.48 16.90
C TYR A 193 12.00 0.73 16.74
N ASP A 194 12.74 0.75 17.85
CA ASP A 194 14.13 1.29 17.85
C ASP A 194 15.10 0.24 17.30
N LYS A 195 14.68 -1.03 17.25
CA LYS A 195 15.54 -2.20 16.88
C LYS A 195 15.12 -2.79 15.53
N VAL A 196 14.02 -2.32 14.93
CA VAL A 196 13.59 -2.75 13.57
C VAL A 196 14.75 -2.44 12.61
N LYS A 197 15.28 -3.46 11.94
CA LYS A 197 16.40 -3.30 10.98
C LYS A 197 16.01 -2.22 9.96
N ASP A 198 14.87 -2.36 9.29
CA ASP A 198 14.45 -1.44 8.20
C ASP A 198 13.18 -0.66 8.61
N ILE A 199 13.36 0.63 8.88
CA ILE A 199 12.31 1.50 9.50
C ILE A 199 11.23 1.80 8.46
N SER A 200 11.52 1.69 7.17
CA SER A 200 10.48 1.86 6.11
C SER A 200 9.39 0.80 6.28
N GLU A 201 9.65 -0.30 6.99
CA GLU A 201 8.62 -1.34 7.26
C GLU A 201 7.53 -0.79 8.19
N VAL A 202 7.86 0.15 9.06
CA VAL A 202 6.86 0.71 10.03
C VAL A 202 6.13 1.88 9.38
N VAL A 203 6.80 2.63 8.53
CA VAL A 203 6.22 3.86 7.89
C VAL A 203 5.91 3.57 6.43
N THR A 204 4.67 3.28 6.14
CA THR A 204 4.22 2.83 4.82
C THR A 204 3.79 4.07 4.02
N PRO A 205 3.44 3.91 2.73
CA PRO A 205 2.91 5.01 1.94
C PRO A 205 1.57 5.59 2.41
N ARG A 206 0.90 4.95 3.37
CA ARG A 206 -0.37 5.45 3.94
C ARG A 206 -0.12 6.62 4.90
N PHE A 207 1.12 6.96 5.24
CA PHE A 207 1.36 7.91 6.36
C PHE A 207 1.82 9.29 5.91
N LEU A 208 1.33 10.30 6.63
CA LEU A 208 1.85 11.67 6.66
C LEU A 208 2.56 11.83 8.00
N CYS A 209 3.50 12.76 8.06
CA CYS A 209 4.45 12.91 9.19
C CYS A 209 4.44 14.38 9.57
N THR A 210 4.25 14.67 10.85
CA THR A 210 4.36 16.01 11.45
C THR A 210 5.35 15.93 12.63
N GLY A 211 5.54 17.04 13.33
CA GLY A 211 6.37 17.08 14.55
C GLY A 211 7.79 17.56 14.25
N GLY A 212 8.57 17.77 15.30
CA GLY A 212 9.96 18.24 15.20
C GLY A 212 10.00 19.73 15.45
N VAL A 213 11.15 20.36 15.21
CA VAL A 213 11.32 21.80 15.53
C VAL A 213 11.68 22.59 14.26
N SER A 214 11.65 21.98 13.09
CA SER A 214 11.80 22.72 11.81
C SER A 214 10.70 22.31 10.84
N PRO A 215 10.06 23.27 10.10
CA PRO A 215 10.38 24.69 10.19
C PRO A 215 9.94 25.45 11.45
N TYR A 216 9.02 24.90 12.24
CA TYR A 216 8.59 25.52 13.52
C TYR A 216 8.54 24.42 14.58
N ALA A 217 8.35 24.82 15.83
CA ALA A 217 8.26 23.91 16.98
C ALA A 217 6.83 23.36 17.03
N ASP A 218 6.60 22.21 16.40
CA ASP A 218 5.28 21.55 16.35
C ASP A 218 5.00 20.95 17.72
N PRO A 219 3.79 21.18 18.28
CA PRO A 219 3.33 20.39 19.43
C PRO A 219 3.18 18.94 18.97
N ASN A 220 3.28 18.01 19.92
CA ASN A 220 3.11 16.57 19.63
C ASN A 220 1.75 16.09 20.13
N THR A 221 1.33 14.95 19.61
CA THR A 221 0.06 14.29 20.01
C THR A 221 0.34 13.48 21.26
N CYS A 222 -0.74 13.12 21.95
CA CYS A 222 -0.79 12.07 22.99
C CYS A 222 -1.66 10.92 22.49
N ARG A 223 -1.60 9.76 23.15
CA ARG A 223 -2.39 8.56 22.77
C ARG A 223 -3.87 8.93 22.63
N GLY A 224 -4.37 9.81 23.50
CA GLY A 224 -5.79 10.22 23.54
C GLY A 224 -6.24 11.04 22.34
N ASP A 225 -5.30 11.55 21.54
CA ASP A 225 -5.60 12.32 20.28
C ASP A 225 -5.79 11.35 19.12
N SER A 226 -5.42 10.08 19.30
CA SER A 226 -5.61 9.01 18.29
C SER A 226 -6.99 9.15 17.66
N GLY A 227 -7.06 9.09 16.33
CA GLY A 227 -8.33 9.09 15.60
C GLY A 227 -8.79 10.48 15.22
N GLY A 228 -8.28 11.54 15.87
CA GLY A 228 -8.62 12.94 15.57
C GLY A 228 -8.20 13.35 14.16
N PRO A 229 -8.88 14.32 13.54
CA PRO A 229 -8.53 14.75 12.19
C PRO A 229 -7.27 15.63 12.15
N LEU A 230 -6.44 15.37 11.14
CA LEU A 230 -5.34 16.27 10.75
C LEU A 230 -5.92 17.14 9.64
N ILE A 231 -5.88 18.44 9.87
CA ILE A 231 -6.71 19.41 9.12
C ILE A 231 -5.81 20.45 8.45
N VAL A 232 -6.18 20.82 7.22
CA VAL A 232 -5.68 22.00 6.46
C VAL A 232 -6.80 23.04 6.44
N HIS A 233 -6.44 24.25 6.81
CA HIS A 233 -7.33 25.42 6.98
C HIS A 233 -7.00 26.36 5.83
N LYS A 234 -7.94 26.60 4.92
CA LYS A 234 -7.78 27.60 3.83
C LYS A 234 -8.99 28.51 3.84
N ARG A 235 -8.76 29.82 4.02
CA ARG A 235 -9.78 30.88 3.82
C ARG A 235 -11.06 30.45 4.54
N SER A 236 -10.94 30.29 5.84
CA SER A 236 -12.08 30.02 6.74
C SER A 236 -12.77 28.69 6.42
N ARG A 237 -12.13 27.75 5.70
CA ARG A 237 -12.70 26.38 5.54
CA ARG A 237 -12.70 26.38 5.54
C ARG A 237 -11.68 25.34 6.01
N PHE A 238 -12.20 24.24 6.53
CA PHE A 238 -11.39 23.17 7.15
C PHE A 238 -11.60 21.88 6.36
N ILE A 239 -10.51 21.29 5.90
CA ILE A 239 -10.48 20.08 5.06
C ILE A 239 -9.66 19.05 5.83
N GLN A 240 -10.26 17.89 6.10
CA GLN A 240 -9.51 16.79 6.74
C GLN A 240 -8.58 16.13 5.71
N VAL A 241 -7.28 16.04 6.01
CA VAL A 241 -6.35 15.31 5.10
C VAL A 241 -5.82 14.06 5.77
N GLY A 242 -5.97 13.92 7.09
CA GLY A 242 -5.39 12.75 7.76
C GLY A 242 -6.14 12.38 9.02
N VAL A 243 -5.84 11.18 9.52
CA VAL A 243 -6.30 10.68 10.83
C VAL A 243 -5.09 10.43 11.70
N ILE A 244 -5.05 11.03 12.89
CA ILE A 244 -3.93 10.84 13.84
C ILE A 244 -3.84 9.35 14.19
N SER A 245 -2.67 8.75 14.02
CA SER A 245 -2.50 7.30 14.25
C SER A 245 -1.55 7.06 15.41
N TRP A 246 -0.30 7.53 15.31
CA TRP A 246 0.71 7.17 16.35
C TRP A 246 1.85 8.20 16.43
N GLY A 247 2.48 8.28 17.60
CA GLY A 247 3.54 9.24 17.90
C GLY A 247 4.82 8.60 18.42
N VAL A 248 5.89 9.34 18.30
CA VAL A 248 7.24 8.96 18.78
C VAL A 248 7.35 9.28 20.28
N VAL A 249 6.74 10.37 20.73
CA VAL A 249 6.82 10.82 22.15
CA VAL A 249 6.82 10.85 22.14
C VAL A 249 5.41 11.10 22.68
N ASP A 250 5.02 10.43 23.77
CA ASP A 250 3.74 10.78 24.46
C ASP A 250 4.06 11.95 25.40
N VAL A 251 3.80 13.16 24.95
CA VAL A 251 4.14 14.40 25.71
C VAL A 251 3.15 14.60 26.87
N CYS A 252 2.07 13.80 26.93
CA CYS A 252 1.15 13.76 28.10
C CYS A 252 1.78 12.94 29.25
N LYS A 253 2.69 12.02 28.98
CA LYS A 253 3.34 11.17 30.01
C LYS A 253 4.82 11.56 30.13
N ASN A 254 5.46 11.89 28.99
CA ASN A 254 6.93 11.81 28.77
C ASN A 254 7.44 13.10 28.10
N GLN A 255 7.23 14.27 28.73
CA GLN A 255 7.84 15.55 28.28
C GLN A 255 9.35 15.56 28.53
N LYS A 256 9.86 14.70 29.42
CA LYS A 256 11.32 14.44 29.57
C LYS A 256 11.90 14.05 28.20
N ARG A 257 11.25 13.12 27.48
CA ARG A 257 11.79 12.47 26.26
C ARG A 257 11.77 13.45 25.08
N GLN A 258 10.73 14.27 24.95
CA GLN A 258 10.63 15.24 23.83
C GLN A 258 11.82 16.21 23.92
N LYS A 259 12.16 16.61 25.15
CA LYS A 259 13.29 17.53 25.47
C LYS A 259 14.63 16.84 25.17
N GLN A 260 14.70 15.50 25.21
CA GLN A 260 15.91 14.72 24.84
C GLN A 260 16.06 14.66 23.32
N VAL A 261 14.97 14.42 22.58
CA VAL A 261 15.04 14.20 21.12
C VAL A 261 14.04 15.09 20.39
N PRO A 262 14.07 16.43 20.64
CA PRO A 262 13.07 17.33 20.07
C PRO A 262 13.14 17.37 18.54
N ALA A 263 14.32 17.21 17.92
CA ALA A 263 14.47 17.27 16.45
C ALA A 263 13.75 16.09 15.80
N HIS A 264 13.48 15.01 16.54
CA HIS A 264 13.01 13.73 15.94
C HIS A 264 11.63 13.35 16.50
N ALA A 265 10.97 14.21 17.28
CA ALA A 265 9.71 13.88 17.99
C ALA A 265 8.57 14.01 16.98
N ARG A 266 8.31 12.94 16.19
CA ARG A 266 7.34 12.99 15.07
C ARG A 266 5.98 12.40 15.46
N ASP A 267 4.95 12.81 14.72
CA ASP A 267 3.60 12.20 14.75
C ASP A 267 3.28 11.68 13.35
N PHE A 268 2.56 10.58 13.29
CA PHE A 268 2.23 9.85 12.04
C PHE A 268 0.70 9.77 11.93
N HIS A 269 0.21 10.04 10.72
CA HIS A 269 -1.21 10.25 10.42
C HIS A 269 -1.54 9.45 9.18
N ILE A 270 -2.67 8.76 9.14
CA ILE A 270 -3.14 8.08 7.91
C ILE A 270 -3.58 9.15 6.93
N ASN A 271 -2.95 9.16 5.77
CA ASN A 271 -3.24 10.04 4.60
C ASN A 271 -4.57 9.61 3.98
N LEU A 272 -5.59 10.45 4.04
CA LEU A 272 -6.93 10.04 3.52
C LEU A 272 -6.89 9.91 1.98
N PHE A 273 -5.97 10.58 1.30
CA PHE A 273 -5.76 10.34 -0.16
C PHE A 273 -5.28 8.91 -0.41
N GLN A 274 -4.79 8.20 0.59
CA GLN A 274 -4.26 6.83 0.39
C GLN A 274 -5.30 5.78 0.77
N VAL A 275 -6.47 6.16 1.29
CA VAL A 275 -7.57 5.19 1.61
C VAL A 275 -8.87 5.62 0.91
N LEU A 276 -8.76 6.30 -0.22
CA LEU A 276 -9.95 6.88 -0.89
C LEU A 276 -10.91 5.80 -1.39
N PRO A 277 -10.45 4.66 -1.96
CA PRO A 277 -11.38 3.63 -2.43
C PRO A 277 -12.29 3.13 -1.30
N TRP A 278 -11.73 2.94 -0.11
CA TRP A 278 -12.50 2.51 1.08
C TRP A 278 -13.46 3.63 1.53
N LEU A 279 -12.99 4.87 1.67
CA LEU A 279 -13.86 6.01 2.09
C LEU A 279 -15.03 6.15 1.13
N LYS A 280 -14.72 6.15 -0.16
CA LYS A 280 -15.72 6.40 -1.23
C LYS A 280 -16.76 5.27 -1.19
N GLU A 281 -16.34 4.02 -1.00
CA GLU A 281 -17.30 2.89 -0.94
C GLU A 281 -18.18 2.99 0.31
N LYS A 282 -17.59 3.07 1.50
CA LYS A 282 -18.36 3.05 2.77
C LYS A 282 -19.27 4.28 2.87
N LEU A 283 -18.89 5.40 2.28
CA LEU A 283 -19.68 6.67 2.39
C LEU A 283 -20.47 6.94 1.10
N GLN A 284 -20.60 5.95 0.21
CA GLN A 284 -21.23 6.18 -1.12
C GLN A 284 -22.68 6.68 -0.97
N ASP A 285 -23.39 6.41 0.13
CA ASP A 285 -24.83 6.81 0.23
C ASP A 285 -25.01 8.04 1.12
N GLU A 286 -23.94 8.78 1.43
CA GLU A 286 -23.98 9.90 2.41
C GLU A 286 -24.06 11.26 1.72
N ASP A 287 -24.28 11.32 0.41
CA ASP A 287 -24.48 12.60 -0.30
C ASP A 287 -23.24 13.51 -0.17
N LEU A 288 -22.04 12.95 -0.22
CA LEU A 288 -20.80 13.77 -0.08
C LEU A 288 -20.23 14.09 -1.47
N GLY A 289 -20.71 13.41 -2.51
CA GLY A 289 -20.28 13.68 -3.90
C GLY A 289 -18.80 13.39 -4.12
N PHE A 290 -18.35 12.17 -3.85
CA PHE A 290 -16.97 11.74 -4.13
C PHE A 290 -16.74 11.86 -5.65
N LEU A 291 -15.60 12.41 -6.03
CA LEU A 291 -15.12 12.47 -7.44
C LEU A 291 -14.80 11.04 -7.91
N SER B 3 5.98 -28.80 0.87
CA SER B 3 6.50 -29.18 -0.51
C SER B 3 7.93 -28.67 -0.73
N LEU B 4 8.72 -29.38 -1.54
CA LEU B 4 10.12 -29.00 -1.89
C LEU B 4 10.09 -28.07 -3.10
N CYS B 5 10.15 -26.78 -2.85
CA CYS B 5 10.00 -25.76 -3.93
C CYS B 5 11.34 -25.49 -4.61
N GLY B 6 11.28 -25.05 -5.87
CA GLY B 6 12.44 -24.51 -6.59
C GLY B 6 13.48 -25.58 -6.87
N MET B 7 13.04 -26.83 -7.04
CA MET B 7 13.90 -28.00 -7.28
C MET B 7 13.52 -28.63 -8.63
N VAL B 8 14.52 -28.90 -9.47
CA VAL B 8 14.35 -29.54 -10.81
C VAL B 8 14.55 -31.05 -10.62
N TRP B 9 13.95 -31.87 -11.50
CA TRP B 9 14.12 -33.35 -11.55
C TRP B 9 14.47 -33.79 -12.98
N ASP B 16 12.68 -29.65 -21.29
CA ASP B 16 12.89 -28.22 -20.90
C ASP B 16 11.87 -27.75 -19.85
N TYR B 17 10.61 -28.20 -19.86
CA TYR B 17 9.76 -28.19 -18.64
C TYR B 17 10.38 -29.09 -17.56
N HIS B 18 11.28 -30.00 -17.94
CA HIS B 18 12.15 -30.74 -16.98
C HIS B 18 13.08 -29.75 -16.25
N LYS B 19 13.60 -28.74 -16.95
CA LYS B 19 14.57 -27.76 -16.37
C LYS B 19 13.82 -26.62 -15.66
N GLN B 20 12.58 -26.31 -16.06
CA GLN B 20 11.74 -25.19 -15.51
C GLN B 20 10.30 -25.67 -15.31
N PRO B 21 10.09 -26.61 -14.37
CA PRO B 21 8.78 -27.24 -14.15
C PRO B 21 7.73 -26.36 -13.44
N TRP B 22 8.11 -25.13 -13.01
CA TRP B 22 7.17 -24.14 -12.44
C TRP B 22 6.57 -23.28 -13.55
N GLN B 23 7.07 -23.37 -14.78
N GLN B 23 7.11 -23.32 -14.77
CA GLN B 23 6.63 -22.43 -15.85
CA GLN B 23 6.69 -22.35 -15.82
C GLN B 23 5.20 -22.72 -16.22
C GLN B 23 5.25 -22.69 -16.26
N ALA B 24 4.41 -21.66 -16.40
CA ALA B 24 3.01 -21.76 -16.86
C ALA B 24 2.86 -20.90 -18.10
N LYS B 25 2.12 -21.40 -19.06
CA LYS B 25 1.88 -20.74 -20.36
C LYS B 25 0.44 -20.21 -20.35
N ILE B 26 0.27 -18.92 -20.61
CA ILE B 26 -1.04 -18.26 -20.61
C ILE B 26 -1.33 -17.76 -22.01
N SER B 27 -2.55 -18.03 -22.49
CA SER B 27 -3.05 -17.58 -23.81
C SER B 27 -4.33 -16.77 -23.61
N VAL B 28 -4.42 -15.60 -24.24
CA VAL B 28 -5.64 -14.76 -24.26
C VAL B 28 -6.66 -15.44 -25.19
N ILE B 29 -7.89 -15.69 -24.73
CA ILE B 29 -8.92 -16.46 -25.48
C ILE B 29 -9.37 -15.63 -26.71
N ARG B 30 -9.63 -14.32 -26.55
CA ARG B 30 -9.91 -13.41 -27.71
C ARG B 30 -8.71 -12.50 -27.95
N PRO B 31 -7.66 -12.97 -28.67
CA PRO B 31 -6.40 -12.21 -28.77
C PRO B 31 -6.54 -10.96 -29.66
N SER B 32 -5.66 -9.98 -29.43
CA SER B 32 -5.43 -8.79 -30.29
C SER B 32 -3.96 -8.40 -30.17
N LYS B 33 -3.53 -7.36 -30.89
CA LYS B 33 -2.17 -6.76 -30.77
C LYS B 33 -1.94 -6.36 -29.30
N GLY B 34 -0.86 -6.85 -28.68
CA GLY B 34 -0.45 -6.56 -27.30
C GLY B 34 -1.18 -7.42 -26.27
N HIS B 35 -2.07 -8.32 -26.71
CA HIS B 35 -2.92 -9.16 -25.83
C HIS B 35 -3.03 -10.56 -26.43
N GLU B 36 -1.90 -11.26 -26.53
CA GLU B 36 -1.83 -12.62 -27.11
C GLU B 36 -1.48 -13.67 -26.06
N SER B 37 -0.37 -13.47 -25.33
N SER B 37 -0.38 -13.49 -25.35
CA SER B 37 0.20 -14.50 -24.45
CA SER B 37 0.14 -14.54 -24.42
C SER B 37 0.86 -13.88 -23.22
C SER B 37 0.84 -13.90 -23.22
N CYS B 38 1.04 -14.71 -22.20
CA CYS B 38 1.76 -14.37 -20.96
C CYS B 38 2.39 -15.64 -20.44
N MET B 39 3.15 -15.52 -19.38
CA MET B 39 3.73 -16.63 -18.64
C MET B 39 3.27 -16.47 -17.19
N GLY B 40 3.52 -17.49 -16.41
CA GLY B 40 3.29 -17.47 -14.97
C GLY B 40 4.10 -18.52 -14.29
N ALA B 41 3.92 -18.67 -12.99
CA ALA B 41 4.69 -19.61 -12.18
C ALA B 41 3.75 -20.40 -11.29
N VAL B 42 3.95 -21.71 -11.23
CA VAL B 42 3.29 -22.57 -10.22
C VAL B 42 3.89 -22.23 -8.87
N VAL B 43 3.06 -21.81 -7.92
CA VAL B 43 3.52 -21.47 -6.53
C VAL B 43 2.87 -22.40 -5.51
N SER B 44 1.82 -23.14 -5.88
CA SER B 44 1.18 -24.16 -5.02
C SER B 44 0.32 -25.06 -5.89
N GLU B 45 -0.29 -26.06 -5.27
CA GLU B 45 -1.11 -27.11 -5.94
CA GLU B 45 -1.00 -27.08 -6.10
C GLU B 45 -2.29 -26.45 -6.66
N TYR B 46 -2.72 -25.29 -6.16
CA TYR B 46 -3.94 -24.62 -6.67
C TYR B 46 -3.65 -23.25 -7.28
N PHE B 47 -2.41 -22.76 -7.30
CA PHE B 47 -2.14 -21.37 -7.70
C PHE B 47 -1.01 -21.22 -8.70
N VAL B 48 -1.28 -20.30 -9.62
CA VAL B 48 -0.27 -19.76 -10.58
C VAL B 48 -0.18 -18.25 -10.40
N LEU B 49 1.04 -17.74 -10.25
CA LEU B 49 1.32 -16.30 -10.08
C LEU B 49 1.68 -15.73 -11.47
N THR B 50 1.11 -14.57 -11.78
CA THR B 50 1.32 -13.92 -13.09
C THR B 50 1.13 -12.42 -12.93
N ALA B 51 1.07 -11.72 -14.04
CA ALA B 51 0.81 -10.27 -14.09
C ALA B 51 -0.69 -10.01 -14.27
N ALA B 52 -1.19 -8.99 -13.62
CA ALA B 52 -2.60 -8.57 -13.72
C ALA B 52 -2.95 -8.12 -15.13
N HIS B 53 -2.01 -7.52 -15.87
CA HIS B 53 -2.30 -6.89 -17.18
C HIS B 53 -2.54 -7.99 -18.23
N CYS B 54 -2.32 -9.26 -17.92
CA CYS B 54 -2.50 -10.42 -18.86
C CYS B 54 -3.98 -10.78 -19.09
N PHE B 55 -4.87 -10.29 -18.25
CA PHE B 55 -6.32 -10.60 -18.26
C PHE B 55 -7.11 -9.45 -18.86
N THR B 56 -8.35 -9.71 -19.31
CA THR B 56 -9.32 -8.62 -19.58
C THR B 56 -9.86 -8.21 -18.21
N VAL B 57 -10.21 -6.95 -18.02
CA VAL B 57 -10.73 -6.47 -16.71
C VAL B 57 -12.15 -7.00 -16.52
N ASP B 58 -12.91 -7.18 -17.61
CA ASP B 58 -14.29 -7.79 -17.61
C ASP B 58 -14.20 -9.31 -17.73
N ASP B 59 -14.93 -10.05 -16.90
CA ASP B 59 -15.02 -11.54 -16.96
C ASP B 59 -13.60 -12.14 -16.96
N LYS B 60 -12.79 -11.75 -15.97
CA LYS B 60 -11.35 -12.12 -15.90
C LYS B 60 -11.19 -13.63 -16.07
N GLU B 61 -11.99 -14.40 -15.33
CA GLU B 61 -11.79 -15.87 -15.17
C GLU B 61 -11.98 -16.58 -16.50
N HIS B 62 -12.71 -15.98 -17.45
CA HIS B 62 -12.96 -16.65 -18.76
C HIS B 62 -12.14 -15.96 -19.87
N SER B 63 -11.12 -15.15 -19.53
CA SER B 63 -10.38 -14.31 -20.51
C SER B 63 -9.07 -14.97 -20.96
N ILE B 64 -8.61 -16.03 -20.29
CA ILE B 64 -7.32 -16.71 -20.60
C ILE B 64 -7.51 -18.21 -20.48
N LYS B 65 -6.60 -18.93 -21.14
CA LYS B 65 -6.29 -20.34 -20.88
C LYS B 65 -4.92 -20.39 -20.17
N VAL B 66 -4.74 -21.38 -19.31
CA VAL B 66 -3.43 -21.62 -18.69
C VAL B 66 -3.11 -23.10 -18.82
N SER B 67 -1.84 -23.40 -19.11
CA SER B 67 -1.26 -24.76 -19.19
C SER B 67 0.03 -24.80 -18.40
N VAL B 68 0.35 -25.98 -17.87
CA VAL B 68 1.58 -26.29 -17.11
C VAL B 68 2.23 -27.52 -17.76
N GLY B 69 3.50 -27.78 -17.42
CA GLY B 69 4.24 -29.00 -17.79
C GLY B 69 4.41 -29.16 -19.29
N GLY B 70 4.13 -28.12 -20.08
CA GLY B 70 4.20 -28.18 -21.55
C GLY B 70 3.03 -28.93 -22.16
N GLU B 71 1.99 -29.18 -21.36
CA GLU B 71 0.81 -29.96 -21.77
C GLU B 71 -0.05 -29.11 -22.68
N LYS B 72 -0.82 -29.75 -23.56
CA LYS B 72 -1.74 -29.05 -24.49
C LYS B 72 -2.99 -28.63 -23.72
N ARG B 73 -3.41 -29.44 -22.75
CA ARG B 73 -4.70 -29.26 -22.03
C ARG B 73 -4.63 -27.97 -21.20
N ASP B 74 -5.78 -27.29 -21.12
CA ASP B 74 -6.01 -26.03 -20.33
C ASP B 74 -6.59 -26.40 -18.97
N LEU B 75 -6.19 -25.72 -17.93
CA LEU B 75 -6.66 -25.98 -16.54
C LEU B 75 -7.87 -25.09 -16.28
N GLU B 76 -8.86 -25.62 -15.58
CA GLU B 76 -10.04 -24.84 -15.16
C GLU B 76 -9.62 -23.77 -14.14
N ILE B 77 -9.95 -22.52 -14.46
CA ILE B 77 -9.64 -21.34 -13.60
C ILE B 77 -10.87 -21.02 -12.75
N GLU B 78 -10.74 -21.18 -11.45
CA GLU B 78 -11.82 -20.89 -10.50
C GLU B 78 -11.90 -19.40 -10.19
N VAL B 79 -10.77 -18.76 -9.82
CA VAL B 79 -10.80 -17.29 -9.58
CA VAL B 79 -10.73 -17.31 -9.42
C VAL B 79 -9.46 -16.67 -10.00
N VAL B 80 -9.55 -15.43 -10.45
CA VAL B 80 -8.38 -14.55 -10.75
C VAL B 80 -8.39 -13.43 -9.72
N LEU B 81 -7.32 -13.37 -8.93
CA LEU B 81 -7.15 -12.32 -7.90
C LEU B 81 -6.15 -11.27 -8.41
N PHE B 82 -6.63 -10.05 -8.72
CA PHE B 82 -5.75 -8.90 -9.05
C PHE B 82 -5.24 -8.33 -7.74
N HIS B 83 -3.98 -7.92 -7.66
CA HIS B 83 -3.55 -7.04 -6.56
C HIS B 83 -4.55 -5.88 -6.52
N PRO B 84 -5.12 -5.54 -5.35
CA PRO B 84 -6.15 -4.51 -5.28
C PRO B 84 -5.71 -3.11 -5.72
N ASN B 85 -4.39 -2.85 -5.78
CA ASN B 85 -3.84 -1.51 -6.08
C ASN B 85 -3.57 -1.39 -7.58
N TYR B 86 -3.70 -2.50 -8.32
CA TYR B 86 -3.44 -2.53 -9.78
C TYR B 86 -4.55 -1.77 -10.51
N ASN B 87 -4.14 -0.82 -11.36
CA ASN B 87 -5.11 -0.04 -12.20
C ASN B 87 -4.31 0.54 -13.37
N ILE B 88 -4.45 -0.06 -14.54
CA ILE B 88 -3.62 0.33 -15.72
C ILE B 88 -3.95 1.78 -16.10
N ASN B 89 -5.13 2.27 -15.75
CA ASN B 89 -5.62 3.64 -16.10
C ASN B 89 -5.39 4.62 -14.96
N GLY B 90 -4.70 4.21 -13.90
CA GLY B 90 -4.59 5.00 -12.66
C GLY B 90 -3.84 6.32 -12.79
N LYS B 91 -3.06 6.56 -13.85
CA LYS B 91 -2.28 7.82 -13.94
C LYS B 91 -2.41 8.47 -15.31
N LYS B 92 -3.50 8.18 -16.02
CA LYS B 92 -3.83 8.73 -17.37
C LYS B 92 -3.70 10.25 -17.31
N GLU B 93 -4.17 10.83 -16.20
CA GLU B 93 -4.25 12.29 -15.98
C GLU B 93 -2.86 12.92 -15.92
N ALA B 94 -1.85 12.18 -15.46
CA ALA B 94 -0.45 12.67 -15.37
C ALA B 94 0.34 12.32 -16.65
N GLY B 95 -0.33 11.99 -17.75
CA GLY B 95 0.32 11.70 -19.04
C GLY B 95 0.94 10.31 -19.08
N ILE B 96 0.53 9.40 -18.18
CA ILE B 96 0.96 7.97 -18.13
C ILE B 96 -0.17 7.13 -18.70
N PRO B 97 -0.09 6.71 -20.00
CA PRO B 97 -1.18 6.00 -20.66
C PRO B 97 -1.49 4.62 -20.09
N GLU B 98 -0.46 3.92 -19.61
CA GLU B 98 -0.60 2.58 -18.97
C GLU B 98 0.28 2.60 -17.71
N PHE B 99 -0.29 2.28 -16.56
CA PHE B 99 0.43 2.34 -15.27
C PHE B 99 0.53 0.93 -14.70
N TYR B 100 1.74 0.40 -14.51
CA TYR B 100 1.94 -1.05 -14.20
C TYR B 100 2.24 -1.28 -12.72
N ASP B 101 1.97 -0.30 -11.86
CA ASP B 101 2.19 -0.50 -10.41
C ASP B 101 1.32 -1.68 -9.95
N TYR B 102 1.87 -2.54 -9.10
CA TYR B 102 1.17 -3.68 -8.48
C TYR B 102 0.62 -4.64 -9.55
N ASP B 103 1.36 -4.81 -10.63
CA ASP B 103 0.96 -5.64 -11.79
C ASP B 103 1.18 -7.13 -11.45
N VAL B 104 0.46 -7.63 -10.45
CA VAL B 104 0.51 -9.07 -10.08
C VAL B 104 -0.92 -9.58 -9.92
N ALA B 105 -1.11 -10.86 -10.21
CA ALA B 105 -2.41 -11.55 -10.15
C ALA B 105 -2.14 -13.02 -9.83
N LEU B 106 -3.06 -13.63 -9.09
CA LEU B 106 -3.01 -15.06 -8.75
C LEU B 106 -4.18 -15.74 -9.44
N ILE B 107 -3.86 -16.81 -10.15
CA ILE B 107 -4.86 -17.73 -10.74
C ILE B 107 -5.11 -18.82 -9.72
N LYS B 108 -6.33 -18.90 -9.17
CA LYS B 108 -6.76 -20.07 -8.38
C LYS B 108 -7.36 -21.13 -9.31
N LEU B 109 -6.75 -22.30 -9.35
CA LEU B 109 -7.21 -23.43 -10.19
C LEU B 109 -8.32 -24.17 -9.43
N LYS B 110 -9.30 -24.68 -10.15
CA LYS B 110 -10.37 -25.50 -9.51
C LYS B 110 -9.79 -26.82 -8.99
N ASN B 111 -9.00 -27.51 -9.82
CA ASN B 111 -8.43 -28.86 -9.59
C ASN B 111 -6.99 -28.77 -9.05
N LYS B 112 -6.66 -29.60 -8.06
CA LYS B 112 -5.31 -29.78 -7.48
C LYS B 112 -4.33 -30.21 -8.57
N LEU B 113 -3.24 -29.47 -8.78
CA LEU B 113 -2.12 -29.94 -9.62
C LEU B 113 -1.47 -31.15 -8.94
N LYS B 114 -1.04 -32.11 -9.76
CA LYS B 114 -0.22 -33.25 -9.30
C LYS B 114 1.24 -32.94 -9.68
N TYR B 115 2.09 -32.74 -8.69
CA TYR B 115 3.53 -32.45 -8.93
C TYR B 115 4.19 -33.71 -9.51
N GLY B 116 5.24 -33.50 -10.31
CA GLY B 116 5.98 -34.57 -10.99
C GLY B 116 7.21 -34.01 -11.64
N GLN B 117 7.70 -34.61 -12.72
CA GLN B 117 8.99 -34.20 -13.33
C GLN B 117 8.84 -32.87 -14.06
N THR B 118 7.63 -32.52 -14.51
CA THR B 118 7.41 -31.33 -15.39
C THR B 118 6.48 -30.31 -14.72
N ILE B 119 5.96 -30.61 -13.53
CA ILE B 119 5.11 -29.69 -12.73
C ILE B 119 5.64 -29.63 -11.30
N ARG B 120 6.19 -28.50 -10.89
CA ARG B 120 6.75 -28.32 -9.53
C ARG B 120 6.56 -26.85 -9.16
N PRO B 121 6.41 -26.54 -7.86
CA PRO B 121 6.29 -25.16 -7.43
C PRO B 121 7.67 -24.50 -7.34
N ILE B 122 7.72 -23.21 -7.67
CA ILE B 122 8.93 -22.38 -7.40
C ILE B 122 8.80 -21.85 -5.97
N CYS B 123 9.92 -21.56 -5.31
CA CYS B 123 9.91 -20.97 -3.95
C CYS B 123 9.51 -19.51 -4.05
N LEU B 124 8.80 -19.03 -3.04
CA LEU B 124 8.42 -17.60 -2.91
C LEU B 124 9.20 -16.99 -1.74
N PRO B 125 9.46 -15.67 -1.79
CA PRO B 125 10.20 -15.00 -0.72
C PRO B 125 9.45 -15.07 0.62
N CYS B 126 10.22 -15.15 1.70
CA CYS B 126 9.74 -15.09 3.11
C CYS B 126 8.77 -16.23 3.40
N THR B 127 9.15 -17.41 2.92
CA THR B 127 8.50 -18.70 3.23
C THR B 127 9.50 -19.66 3.85
N GLU B 128 8.97 -20.65 4.58
CA GLU B 128 9.78 -21.77 5.12
C GLU B 128 10.39 -22.56 3.97
N GLY B 129 9.71 -22.65 2.84
CA GLY B 129 10.26 -23.34 1.66
C GLY B 129 11.58 -22.72 1.23
N THR B 130 11.64 -21.38 1.25
CA THR B 130 12.85 -20.64 0.81
C THR B 130 13.96 -20.79 1.86
N THR B 131 13.63 -20.70 3.15
CA THR B 131 14.61 -20.94 4.23
C THR B 131 15.27 -22.31 3.98
N ARG B 132 14.48 -23.36 3.71
CA ARG B 132 15.00 -24.74 3.56
C ARG B 132 15.78 -24.84 2.25
N ALA B 133 15.24 -24.27 1.17
CA ALA B 133 15.92 -24.24 -0.15
C ALA B 133 17.31 -23.61 0.00
N LEU B 134 17.45 -22.54 0.79
CA LEU B 134 18.72 -21.79 0.91
C LEU B 134 19.57 -22.35 2.07
N ARG B 135 19.14 -23.44 2.71
CA ARG B 135 19.91 -24.15 3.77
C ARG B 135 20.22 -23.14 4.89
N LEU B 136 19.22 -22.33 5.24
CA LEU B 136 19.35 -21.28 6.28
C LEU B 136 18.78 -21.81 7.58
N PRO B 137 19.16 -21.25 8.74
CA PRO B 137 18.64 -21.72 10.02
C PRO B 137 17.17 -21.36 10.23
N PRO B 138 16.41 -22.17 10.99
CA PRO B 138 14.95 -22.01 11.07
C PRO B 138 14.49 -20.69 11.71
N THR B 139 15.41 -19.97 12.38
CA THR B 139 15.14 -18.63 13.00
C THR B 139 15.26 -17.53 11.93
N THR B 140 15.66 -17.87 10.71
CA THR B 140 15.74 -16.93 9.57
C THR B 140 14.47 -16.07 9.51
N THR B 141 14.66 -14.77 9.38
CA THR B 141 13.58 -13.76 9.21
C THR B 141 13.38 -13.41 7.73
N CYS B 142 12.27 -12.78 7.43
CA CYS B 142 11.96 -12.26 6.09
C CYS B 142 13.05 -11.26 5.67
N GLN B 143 13.46 -10.38 6.57
CA GLN B 143 14.50 -9.36 6.30
C GLN B 143 15.81 -10.08 5.94
N GLN B 144 16.14 -11.18 6.61
CA GLN B 144 17.39 -11.95 6.32
C GLN B 144 17.29 -12.58 4.92
N GLN B 145 16.13 -13.11 4.55
CA GLN B 145 15.93 -13.69 3.19
C GLN B 145 16.08 -12.57 2.16
N LYS B 146 15.58 -11.36 2.45
CA LYS B 146 15.72 -10.18 1.55
C LYS B 146 17.21 -9.86 1.33
N GLU B 147 18.00 -9.83 2.41
CA GLU B 147 19.45 -9.51 2.40
C GLU B 147 20.17 -10.59 1.58
N GLU B 148 19.73 -11.84 1.67
CA GLU B 148 20.36 -12.98 0.96
C GLU B 148 20.01 -12.88 -0.52
N LEU B 149 18.77 -12.53 -0.87
CA LEU B 149 18.28 -12.70 -2.26
C LEU B 149 18.42 -11.40 -3.05
N LEU B 150 18.15 -10.27 -2.42
CA LEU B 150 18.22 -8.96 -3.10
C LEU B 150 19.13 -8.03 -2.33
N PRO B 151 20.45 -8.34 -2.24
CA PRO B 151 21.40 -7.40 -1.66
C PRO B 151 21.49 -6.13 -2.53
N ALA B 152 22.01 -5.03 -1.95
CA ALA B 152 22.18 -3.73 -2.64
C ALA B 152 23.35 -3.81 -3.62
N GLN B 153 23.21 -4.54 -4.72
CA GLN B 153 24.27 -4.68 -5.74
C GLN B 153 23.62 -5.14 -7.04
N ASP B 154 24.43 -5.42 -8.07
CA ASP B 154 23.99 -6.11 -9.30
C ASP B 154 23.77 -7.58 -8.96
N ILE B 155 22.53 -8.07 -9.15
CA ILE B 155 22.11 -9.44 -8.75
C ILE B 155 21.91 -10.27 -10.02
N LYS B 156 22.67 -11.35 -10.13
CA LYS B 156 22.48 -12.26 -11.28
C LYS B 156 21.14 -12.97 -11.07
N ALA B 157 20.35 -13.05 -12.14
CA ALA B 157 18.97 -13.53 -12.12
C ALA B 157 18.70 -14.15 -13.48
N LEU B 158 17.52 -14.71 -13.64
CA LEU B 158 17.14 -15.29 -14.95
C LEU B 158 15.62 -15.19 -15.10
N PHE B 159 15.15 -15.24 -16.34
CA PHE B 159 13.73 -15.44 -16.71
C PHE B 159 13.72 -16.40 -17.89
N VAL B 160 12.54 -16.91 -18.21
CA VAL B 160 12.33 -17.94 -19.26
C VAL B 160 11.38 -17.37 -20.29
N SER B 161 11.73 -17.56 -21.56
CA SER B 161 10.96 -17.21 -22.77
C SER B 161 10.50 -18.49 -23.48
N GLU B 162 9.30 -18.49 -24.09
CA GLU B 162 8.59 -19.72 -24.55
C GLU B 162 8.18 -19.57 -26.01
N GLU B 163 8.26 -20.65 -26.79
CA GLU B 163 7.77 -20.74 -28.19
C GLU B 163 7.57 -22.23 -28.55
N GLU B 164 6.32 -22.61 -28.85
CA GLU B 164 5.91 -23.98 -29.27
C GLU B 164 6.40 -24.97 -28.20
N LYS B 165 6.08 -24.69 -26.93
CA LYS B 165 6.38 -25.53 -25.74
C LYS B 165 7.88 -25.53 -25.41
N LYS B 166 8.71 -24.78 -26.17
CA LYS B 166 10.17 -24.76 -25.99
C LYS B 166 10.60 -23.54 -25.14
N LEU B 167 11.26 -23.79 -24.02
CA LEU B 167 11.65 -22.76 -23.03
C LEU B 167 13.13 -22.41 -23.21
N THR B 168 13.45 -21.12 -23.17
CA THR B 168 14.83 -20.59 -23.29
C THR B 168 15.13 -19.81 -22.01
N ARG B 169 16.16 -20.22 -21.25
CA ARG B 169 16.69 -19.50 -20.08
C ARG B 169 17.44 -18.25 -20.54
N LYS B 170 17.13 -17.10 -19.94
CA LYS B 170 17.77 -15.80 -20.24
C LYS B 170 18.37 -15.24 -18.95
N GLU B 171 19.68 -15.05 -18.94
CA GLU B 171 20.36 -14.61 -17.70
C GLU B 171 20.46 -13.10 -17.72
N VAL B 172 20.11 -12.45 -16.62
CA VAL B 172 20.04 -10.97 -16.53
C VAL B 172 20.70 -10.55 -15.22
N TYR B 173 20.78 -9.25 -15.02
CA TYR B 173 21.20 -8.66 -13.74
C TYR B 173 20.14 -7.69 -13.28
N ILE B 174 19.74 -7.85 -12.01
CA ILE B 174 18.93 -6.84 -11.30
C ILE B 174 19.86 -5.74 -10.80
N LYS B 175 19.56 -4.50 -11.17
CA LYS B 175 20.36 -3.31 -10.78
C LYS B 175 19.82 -2.84 -9.44
N ASN B 176 20.38 -3.34 -8.33
CA ASN B 176 19.85 -3.03 -6.98
C ASN B 176 20.87 -2.28 -6.12
N GLY B 177 21.99 -1.84 -6.70
CA GLY B 177 22.98 -0.99 -6.03
C GLY B 177 23.12 0.34 -6.75
N ASP B 178 24.36 0.72 -7.02
CA ASP B 178 24.83 1.95 -7.71
C ASP B 178 24.04 2.24 -8.98
N LYS B 179 23.70 1.19 -9.73
CA LYS B 179 23.11 1.33 -11.09
C LYS B 179 21.57 1.42 -11.04
N LYS B 180 20.94 1.31 -9.87
CA LYS B 180 19.45 1.23 -9.77
C LYS B 180 18.80 2.51 -10.32
N GLY B 181 19.29 3.67 -9.92
CA GLY B 181 18.79 4.97 -10.41
C GLY B 181 18.85 5.08 -11.92
N SER B 182 19.98 4.76 -12.54
CA SER B 182 20.19 4.81 -14.01
C SER B 182 19.22 3.84 -14.68
N CYS B 183 19.09 2.66 -14.12
CA CYS B 183 18.16 1.64 -14.69
C CYS B 183 16.72 2.21 -14.71
N GLU B 184 16.28 2.76 -13.59
CA GLU B 184 14.89 3.27 -13.42
C GLU B 184 14.66 4.45 -14.37
N ARG B 185 15.65 5.34 -14.50
CA ARG B 185 15.46 6.60 -15.27
C ARG B 185 15.28 6.24 -16.73
N ASP B 186 15.81 5.11 -17.17
CA ASP B 186 15.72 4.67 -18.59
C ASP B 186 14.29 4.28 -18.96
N ALA B 187 13.37 4.24 -18.02
CA ALA B 187 11.92 4.15 -18.33
C ALA B 187 11.52 5.21 -19.37
N GLN B 188 12.22 6.35 -19.39
CA GLN B 188 11.91 7.48 -20.30
C GLN B 188 12.13 7.13 -21.76
N TYR B 189 12.85 6.05 -22.09
CA TYR B 189 13.03 5.62 -23.50
C TYR B 189 11.86 4.76 -23.95
N ALA B 190 10.94 4.40 -23.06
CA ALA B 190 9.82 3.50 -23.40
C ALA B 190 8.81 4.30 -24.22
N PRO B 191 8.43 3.86 -25.42
CA PRO B 191 7.40 4.57 -26.17
C PRO B 191 6.14 4.73 -25.32
N GLY B 192 5.62 5.95 -25.27
CA GLY B 192 4.44 6.33 -24.48
C GLY B 192 4.82 6.92 -23.14
N TYR B 193 6.07 6.75 -22.70
CA TYR B 193 6.58 7.32 -21.42
C TYR B 193 7.60 8.44 -21.70
N ASP B 194 7.72 8.85 -22.97
CA ASP B 194 8.51 10.00 -23.46
C ASP B 194 7.85 11.33 -23.06
N LYS B 195 6.61 11.31 -22.56
CA LYS B 195 5.80 12.52 -22.24
C LYS B 195 5.68 12.78 -20.73
N VAL B 196 6.18 11.88 -19.87
CA VAL B 196 5.91 11.92 -18.41
C VAL B 196 6.63 13.10 -17.76
N LYS B 197 6.03 13.70 -16.73
CA LYS B 197 6.65 14.80 -15.93
C LYS B 197 7.86 14.24 -15.19
N ASP B 198 7.62 13.43 -14.14
CA ASP B 198 8.63 12.90 -13.20
C ASP B 198 8.66 11.39 -13.39
N ILE B 199 9.80 10.78 -13.74
CA ILE B 199 9.89 9.34 -14.18
C ILE B 199 9.68 8.42 -12.98
N SER B 200 9.92 8.87 -11.75
CA SER B 200 9.62 8.08 -10.53
C SER B 200 8.11 7.81 -10.45
N GLU B 201 7.27 8.57 -11.15
CA GLU B 201 5.80 8.33 -11.19
CA GLU B 201 5.81 8.32 -11.17
C GLU B 201 5.51 7.03 -11.97
N VAL B 202 6.34 6.68 -12.95
CA VAL B 202 6.09 5.43 -13.73
C VAL B 202 6.77 4.25 -13.03
N VAL B 203 7.90 4.48 -12.38
CA VAL B 203 8.73 3.42 -11.73
C VAL B 203 8.63 3.60 -10.22
N THR B 204 7.75 2.85 -9.60
CA THR B 204 7.44 2.97 -8.17
C THR B 204 8.37 2.06 -7.37
N PRO B 205 8.33 2.12 -6.03
CA PRO B 205 9.10 1.20 -5.20
C PRO B 205 8.72 -0.29 -5.33
N ARG B 206 7.63 -0.61 -6.01
CA ARG B 206 7.24 -2.02 -6.29
C ARG B 206 8.13 -2.65 -7.38
N PHE B 207 9.02 -1.91 -8.07
CA PHE B 207 9.71 -2.47 -9.26
C PHE B 207 11.19 -2.78 -9.04
N LEU B 208 11.63 -3.86 -9.65
CA LEU B 208 13.03 -4.24 -9.87
C LEU B 208 13.30 -4.01 -11.36
N CYS B 209 14.57 -3.79 -11.71
CA CYS B 209 14.99 -3.26 -13.02
C CYS B 209 16.14 -4.14 -13.49
N THR B 210 16.00 -4.68 -14.70
CA THR B 210 17.04 -5.49 -15.38
C THR B 210 17.27 -4.86 -16.76
N GLY B 211 18.18 -5.43 -17.56
CA GLY B 211 18.48 -4.96 -18.91
C GLY B 211 19.69 -4.04 -18.94
N GLY B 212 20.14 -3.70 -20.13
CA GLY B 212 21.26 -2.79 -20.37
C GLY B 212 22.53 -3.57 -20.59
N VAL B 213 23.70 -2.90 -20.50
CA VAL B 213 24.97 -3.48 -20.99
C VAL B 213 26.02 -3.49 -19.88
N SER B 214 25.74 -3.01 -18.68
CA SER B 214 26.63 -3.18 -17.50
C SER B 214 25.82 -3.81 -16.36
N PRO B 215 26.40 -4.74 -15.57
CA PRO B 215 27.79 -5.18 -15.74
C PRO B 215 28.07 -6.11 -16.94
N TYR B 216 27.03 -6.68 -17.52
CA TYR B 216 27.10 -7.55 -18.73
C TYR B 216 25.93 -7.12 -19.60
N ALA B 217 25.94 -7.64 -20.83
CA ALA B 217 24.87 -7.41 -21.82
C ALA B 217 23.71 -8.36 -21.49
N ASP B 218 22.64 -7.82 -20.92
CA ASP B 218 21.41 -8.56 -20.59
C ASP B 218 20.55 -8.72 -21.84
N PRO B 219 19.98 -9.91 -22.09
CA PRO B 219 18.86 -10.07 -23.00
C PRO B 219 17.63 -9.34 -22.43
N ASN B 220 16.72 -8.95 -23.31
CA ASN B 220 15.48 -8.23 -22.95
C ASN B 220 14.25 -9.16 -23.05
N THR B 221 13.16 -8.73 -22.43
CA THR B 221 11.86 -9.44 -22.49
C THR B 221 11.13 -8.98 -23.74
N CYS B 222 10.11 -9.75 -24.13
CA CYS B 222 9.04 -9.40 -25.08
C CYS B 222 7.70 -9.35 -24.34
N ARG B 223 6.65 -8.79 -24.96
CA ARG B 223 5.31 -8.67 -24.33
CA ARG B 223 5.31 -8.66 -24.34
C ARG B 223 4.85 -10.03 -23.80
N GLY B 224 5.11 -11.09 -24.56
CA GLY B 224 4.64 -12.46 -24.29
C GLY B 224 5.31 -13.07 -23.07
N ASP B 225 6.42 -12.49 -22.56
CA ASP B 225 7.10 -12.94 -21.32
C ASP B 225 6.41 -12.35 -20.07
N SER B 226 5.53 -11.38 -20.26
CA SER B 226 4.72 -10.76 -19.18
C SER B 226 4.20 -11.83 -18.24
N GLY B 227 4.34 -11.62 -16.93
CA GLY B 227 3.79 -12.52 -15.91
C GLY B 227 4.75 -13.62 -15.52
N GLY B 228 5.77 -13.92 -16.35
CA GLY B 228 6.79 -14.94 -16.03
C GLY B 228 7.60 -14.57 -14.80
N PRO B 229 8.16 -15.56 -14.07
CA PRO B 229 8.94 -15.28 -12.87
C PRO B 229 10.35 -14.75 -13.20
N LEU B 230 10.77 -13.74 -12.45
CA LEU B 230 12.17 -13.34 -12.37
C LEU B 230 12.75 -14.11 -11.21
N ILE B 231 13.80 -14.86 -11.49
CA ILE B 231 14.28 -15.97 -10.61
C ILE B 231 15.74 -15.72 -10.25
N VAL B 232 16.09 -16.02 -9.00
CA VAL B 232 17.48 -16.14 -8.50
C VAL B 232 17.75 -17.62 -8.28
N HIS B 233 18.89 -18.07 -8.82
CA HIS B 233 19.38 -19.47 -8.73
C HIS B 233 20.48 -19.51 -7.69
N LYS B 234 20.24 -20.14 -6.56
CA LYS B 234 21.18 -20.16 -5.40
C LYS B 234 21.27 -21.60 -4.93
N ARG B 235 22.49 -22.13 -4.74
CA ARG B 235 22.71 -23.49 -4.15
C ARG B 235 21.75 -24.46 -4.85
N SER B 236 21.76 -24.51 -6.18
CA SER B 236 21.00 -25.50 -6.99
C SER B 236 19.49 -25.41 -6.76
N ARG B 237 18.98 -24.27 -6.26
CA ARG B 237 17.51 -24.08 -6.04
C ARG B 237 17.08 -22.77 -6.69
N PHE B 238 15.81 -22.69 -7.05
CA PHE B 238 15.25 -21.55 -7.81
C PHE B 238 14.21 -20.81 -6.96
N ILE B 239 14.45 -19.54 -6.72
CA ILE B 239 13.63 -18.67 -5.84
C ILE B 239 13.06 -17.56 -6.68
N GLN B 240 11.74 -17.44 -6.75
CA GLN B 240 11.12 -16.31 -7.50
C GLN B 240 11.25 -15.03 -6.70
N VAL B 241 11.77 -13.97 -7.30
CA VAL B 241 11.90 -12.65 -6.61
C VAL B 241 11.03 -11.60 -7.32
N GLY B 242 10.56 -11.88 -8.53
CA GLY B 242 9.77 -10.87 -9.25
C GLY B 242 8.83 -11.48 -10.26
N VAL B 243 7.92 -10.65 -10.75
CA VAL B 243 7.03 -10.97 -11.90
C VAL B 243 7.34 -9.99 -13.03
N ILE B 244 7.58 -10.51 -14.23
CA ILE B 244 7.89 -9.65 -15.40
C ILE B 244 6.65 -8.79 -15.68
N SER B 245 6.81 -7.47 -15.74
CA SER B 245 5.67 -6.54 -15.91
C SER B 245 5.78 -5.85 -17.27
N TRP B 246 6.87 -5.10 -17.52
CA TRP B 246 6.93 -4.26 -18.74
C TRP B 246 8.36 -3.92 -19.16
N GLY B 247 8.54 -3.63 -20.46
CA GLY B 247 9.86 -3.45 -21.08
C GLY B 247 9.95 -2.15 -21.85
N VAL B 248 11.19 -1.67 -22.04
CA VAL B 248 11.49 -0.46 -22.84
C VAL B 248 11.51 -0.85 -24.33
N VAL B 249 12.04 -2.01 -24.67
CA VAL B 249 12.23 -2.47 -26.08
CA VAL B 249 12.24 -2.47 -26.08
C VAL B 249 11.64 -3.87 -26.26
N ASP B 250 10.70 -4.02 -27.20
CA ASP B 250 10.19 -5.38 -27.54
C ASP B 250 11.16 -5.97 -28.57
N VAL B 251 12.09 -6.79 -28.11
CA VAL B 251 13.17 -7.36 -28.98
C VAL B 251 12.59 -8.47 -29.85
N CYS B 252 11.35 -8.89 -29.63
CA CYS B 252 10.59 -9.76 -30.56
C CYS B 252 10.06 -8.91 -31.71
N VAL B 261 18.34 1.62 -28.77
CA VAL B 261 18.92 2.27 -27.55
C VAL B 261 19.43 1.19 -26.60
N PRO B 262 20.45 0.39 -26.98
CA PRO B 262 20.82 -0.80 -26.21
C PRO B 262 21.28 -0.50 -24.77
N ALA B 263 21.93 0.64 -24.53
CA ALA B 263 22.41 1.01 -23.18
C ALA B 263 21.24 1.30 -22.24
N HIS B 264 20.05 1.60 -22.78
CA HIS B 264 18.89 2.03 -21.95
C HIS B 264 17.74 1.01 -22.03
N ALA B 265 17.95 -0.14 -22.65
CA ALA B 265 16.91 -1.16 -22.91
C ALA B 265 16.67 -1.94 -21.61
N ARG B 266 15.78 -1.42 -20.75
CA ARG B 266 15.53 -1.99 -19.41
C ARG B 266 14.21 -2.79 -19.41
N ASP B 267 14.14 -3.73 -18.47
CA ASP B 267 12.90 -4.49 -18.15
C ASP B 267 12.55 -4.22 -16.70
N PHE B 268 11.26 -4.13 -16.43
CA PHE B 268 10.72 -3.80 -15.09
C PHE B 268 9.86 -4.96 -14.61
N HIS B 269 9.99 -5.27 -13.33
CA HIS B 269 9.46 -6.50 -12.71
C HIS B 269 8.87 -6.11 -11.37
N ILE B 270 7.69 -6.63 -11.02
CA ILE B 270 7.13 -6.40 -9.67
C ILE B 270 7.96 -7.23 -8.70
N ASN B 271 8.55 -6.54 -7.72
CA ASN B 271 9.32 -7.09 -6.59
C ASN B 271 8.35 -7.82 -5.64
N LEU B 272 8.50 -9.13 -5.49
CA LEU B 272 7.57 -9.91 -4.63
C LEU B 272 7.74 -9.53 -3.16
N PHE B 273 8.90 -9.03 -2.74
CA PHE B 273 9.07 -8.49 -1.36
C PHE B 273 8.17 -7.28 -1.15
N GLN B 274 7.75 -6.60 -2.20
CA GLN B 274 6.95 -5.36 -2.06
C GLN B 274 5.44 -5.67 -2.11
N VAL B 275 5.04 -6.91 -2.41
CA VAL B 275 3.59 -7.32 -2.42
C VAL B 275 3.39 -8.52 -1.50
N LEU B 276 4.29 -8.69 -0.52
CA LEU B 276 4.22 -9.85 0.40
C LEU B 276 2.91 -9.87 1.20
N PRO B 277 2.38 -8.74 1.73
CA PRO B 277 1.16 -8.80 2.53
C PRO B 277 0.00 -9.43 1.73
N TRP B 278 -0.10 -9.07 0.45
CA TRP B 278 -1.11 -9.65 -0.47
C TRP B 278 -0.81 -11.13 -0.73
N LEU B 279 0.44 -11.51 -1.08
CA LEU B 279 0.78 -12.93 -1.38
C LEU B 279 0.46 -13.78 -0.14
N LYS B 280 0.87 -13.30 1.03
CA LYS B 280 0.74 -14.05 2.31
C LYS B 280 -0.76 -14.24 2.61
N GLU B 281 -1.58 -13.21 2.39
CA GLU B 281 -3.04 -13.32 2.66
C GLU B 281 -3.69 -14.28 1.66
N LYS B 282 -3.53 -14.04 0.36
CA LYS B 282 -4.24 -14.84 -0.67
C LYS B 282 -3.76 -16.29 -0.66
N LEU B 283 -2.52 -16.55 -0.26
CA LEU B 283 -1.96 -17.93 -0.25
C LEU B 283 -1.93 -18.50 1.17
N GLN B 284 -2.66 -17.91 2.12
CA GLN B 284 -2.61 -18.33 3.54
C GLN B 284 -3.03 -19.79 3.71
N ASP B 285 -3.86 -20.35 2.82
CA ASP B 285 -4.35 -21.75 2.99
C ASP B 285 -3.64 -22.70 2.03
N GLU B 286 -2.45 -22.37 1.56
CA GLU B 286 -1.71 -23.20 0.58
C GLU B 286 -0.54 -23.92 1.25
N ASP B 287 -0.37 -23.77 2.56
CA ASP B 287 0.68 -24.49 3.34
C ASP B 287 2.09 -24.19 2.78
N LEU B 288 2.36 -22.92 2.51
CA LEU B 288 3.70 -22.47 2.01
C LEU B 288 4.54 -21.99 3.19
N GLY B 289 3.94 -21.85 4.38
CA GLY B 289 4.65 -21.43 5.59
C GLY B 289 5.27 -20.05 5.45
N PHE B 290 4.45 -19.03 5.18
CA PHE B 290 4.90 -17.64 5.15
C PHE B 290 5.41 -17.30 6.54
N LEU B 291 6.58 -16.68 6.60
CA LEU B 291 7.14 -16.15 7.86
C LEU B 291 6.25 -15.00 8.37
#